data_7O04
#
_entry.id   7O04
#
_cell.length_a   58.153
_cell.length_b   58.153
_cell.length_c   155.167
_cell.angle_alpha   90.000
_cell.angle_beta   90.000
_cell.angle_gamma   120.000
#
_symmetry.space_group_name_H-M   'P 32 2 1'
#
loop_
_entity.id
_entity.type
_entity.pdbx_description
1 polymer 'Chaperone protein IpgC'
2 non-polymer 'MAGNESIUM ION'
3 non-polymer 'CHLORIDE ION'
4 non-polymer 1-(2-chloro-5-nitrophenyl)-N-methylmethanamine
5 non-polymer DI(HYDROXYETHYL)ETHER
6 water water
#
_entity_poly.entity_id   1
_entity_poly.type   'polypeptide(L)'
_entity_poly.pdbx_seq_one_letter_code
;GSISTAVIDAINSGATLKDINAIPDDMMDDIYSYAYDFYNKGRIEEAEVFFRFLCIYDFYNVDYIMGLAAIYQIKEQFQQ
AADLYAVAFALGKNDYTPVFHTGQCQLRLKAPLKAKECFELVIQHSNDEKLKIKAQSYLDAIQ
;
_entity_poly.pdbx_strand_id   A,B
#
loop_
_chem_comp.id
_chem_comp.type
_chem_comp.name
_chem_comp.formula
4AV non-polymer 1-(2-chloro-5-nitrophenyl)-N-methylmethanamine 'C8 H9 Cl N2 O2'
CL non-polymer 'CHLORIDE ION' 'Cl -1'
MG non-polymer 'MAGNESIUM ION' 'Mg 2'
PEG non-polymer DI(HYDROXYETHYL)ETHER 'C4 H10 O3'
#
# COMPACT_ATOMS: atom_id res chain seq x y z
N SER A 2 -13.24 4.12 25.91
CA SER A 2 -13.45 5.48 25.41
C SER A 2 -14.89 5.96 25.51
N ILE A 3 -15.05 7.23 25.89
CA ILE A 3 -16.37 7.82 25.97
C ILE A 3 -16.95 7.96 24.57
N SER A 4 -18.28 8.09 24.51
CA SER A 4 -18.91 8.18 23.20
C SER A 4 -18.40 9.40 22.42
N THR A 5 -18.19 10.53 23.10
CA THR A 5 -17.69 11.72 22.42
C THR A 5 -16.32 11.44 21.81
N ALA A 6 -15.49 10.65 22.48
CA ALA A 6 -14.17 10.34 21.93
C ALA A 6 -14.28 9.48 20.67
N VAL A 7 -15.16 8.48 20.69
CA VAL A 7 -15.32 7.61 19.53
C VAL A 7 -15.91 8.38 18.37
N ILE A 8 -16.92 9.21 18.63
CA ILE A 8 -17.50 10.03 17.57
C ILE A 8 -16.47 10.97 16.98
N ASP A 9 -15.64 11.60 17.83
CA ASP A 9 -14.58 12.47 17.34
C ASP A 9 -13.60 11.71 16.46
N ALA A 10 -13.28 10.47 16.84
CA ALA A 10 -12.36 9.68 16.02
C ALA A 10 -12.99 9.37 14.67
N ILE A 11 -14.29 9.01 14.66
CA ILE A 11 -14.97 8.77 13.38
C ILE A 11 -14.90 10.02 12.52
N ASN A 12 -15.18 11.17 13.13
CA ASN A 12 -15.23 12.42 12.38
C ASN A 12 -13.86 12.88 11.91
N SER A 13 -12.82 12.55 12.66
CA SER A 13 -11.47 13.00 12.34
C SER A 13 -10.66 11.99 11.53
N GLY A 14 -11.22 10.83 11.19
CA GLY A 14 -10.49 9.82 10.44
C GLY A 14 -9.42 9.08 11.23
N ALA A 15 -9.50 9.15 12.56
CA ALA A 15 -8.57 8.46 13.45
C ALA A 15 -8.95 7.00 13.60
N THR A 16 -7.96 6.18 13.95
CA THR A 16 -8.27 4.79 14.28
C THR A 16 -8.86 4.71 15.68
N LEU A 17 -9.59 3.63 15.96
CA LEU A 17 -9.98 3.36 17.34
C LEU A 17 -8.75 3.02 18.18
N LYS A 18 -7.74 2.40 17.56
CA LYS A 18 -6.49 2.16 18.27
C LYS A 18 -5.91 3.45 18.80
N ASP A 19 -5.97 4.52 17.99
CA ASP A 19 -5.37 5.79 18.38
C ASP A 19 -5.94 6.34 19.68
N ILE A 20 -7.19 6.01 20.01
CA ILE A 20 -7.83 6.49 21.22
C ILE A 20 -7.93 5.39 22.30
N ASN A 21 -7.21 4.29 22.14
CA ASN A 21 -7.11 3.23 23.15
C ASN A 21 -8.48 2.69 23.53
N ALA A 22 -9.33 2.45 22.53
CA ALA A 22 -10.73 2.13 22.81
C ALA A 22 -10.91 0.74 23.40
N ILE A 23 -10.00 -0.18 23.07
CA ILE A 23 -10.05 -1.56 23.57
C ILE A 23 -8.63 -1.86 24.05
N PRO A 24 -8.45 -2.49 25.21
CA PRO A 24 -7.09 -2.71 25.70
C PRO A 24 -6.27 -3.56 24.75
N ASP A 25 -4.95 -3.32 24.76
CA ASP A 25 -4.03 -4.03 23.86
C ASP A 25 -4.16 -5.54 23.98
N ASP A 26 -4.16 -6.04 25.22
CA ASP A 26 -4.22 -7.48 25.43
C ASP A 26 -5.49 -8.08 24.88
N MET A 27 -6.61 -7.33 24.94
CA MET A 27 -7.86 -7.87 24.40
C MET A 27 -7.82 -7.91 22.88
N MET A 28 -7.18 -6.91 22.26
CA MET A 28 -7.00 -6.92 20.82
C MET A 28 -6.12 -8.09 20.39
N ASP A 29 -5.06 -8.39 21.17
CA ASP A 29 -4.26 -9.58 20.87
C ASP A 29 -5.12 -10.83 20.95
N ASP A 30 -6.00 -10.92 21.96
CA ASP A 30 -6.89 -12.06 22.07
C ASP A 30 -7.76 -12.18 20.83
N ILE A 31 -8.31 -11.05 20.37
CA ILE A 31 -9.19 -11.08 19.20
C ILE A 31 -8.43 -11.53 17.96
N TYR A 32 -7.22 -11.02 17.77
CA TYR A 32 -6.41 -11.49 16.66
C TYR A 32 -6.13 -12.98 16.77
N SER A 33 -5.83 -13.47 17.98
CA SER A 33 -5.58 -14.90 18.15
C SER A 33 -6.84 -15.71 17.85
N TYR A 34 -8.01 -15.23 18.28
CA TYR A 34 -9.25 -15.92 17.94
C TYR A 34 -9.49 -15.90 16.44
N ALA A 35 -9.23 -14.75 15.79
CA ALA A 35 -9.36 -14.66 14.34
C ALA A 35 -8.51 -15.71 13.63
N TYR A 36 -7.26 -15.84 14.07
CA TYR A 36 -6.39 -16.84 13.50
C TYR A 36 -6.87 -18.25 13.77
N ASP A 37 -7.41 -18.51 14.99
CA ASP A 37 -7.91 -19.85 15.28
C ASP A 37 -9.06 -20.19 14.35
N PHE A 38 -9.99 -19.25 14.15
CA PHE A 38 -11.11 -19.50 13.24
C PHE A 38 -10.57 -19.86 11.85
N TYR A 39 -9.61 -19.05 11.36
CA TYR A 39 -8.99 -19.26 10.07
C TYR A 39 -8.40 -20.65 9.96
N ASN A 40 -7.58 -21.05 10.94
CA ASN A 40 -6.89 -22.33 10.88
C ASN A 40 -7.87 -23.50 10.95
N LYS A 41 -9.03 -23.29 11.55
CA LYS A 41 -10.09 -24.27 11.71
C LYS A 41 -11.07 -24.26 10.56
N GLY A 42 -10.85 -23.45 9.52
CA GLY A 42 -11.78 -23.44 8.40
C GLY A 42 -13.08 -22.75 8.69
N ARG A 43 -13.14 -22.00 9.79
CA ARG A 43 -14.35 -21.22 10.09
C ARG A 43 -14.20 -19.84 9.45
N ILE A 44 -14.37 -19.82 8.12
CA ILE A 44 -14.01 -18.66 7.31
C ILE A 44 -14.95 -17.50 7.57
N GLU A 45 -16.25 -17.77 7.71
CA GLU A 45 -17.20 -16.71 7.93
C GLU A 45 -16.87 -15.95 9.22
N GLU A 46 -16.54 -16.70 10.27
CA GLU A 46 -16.24 -16.09 11.56
C GLU A 46 -14.90 -15.37 11.50
N ALA A 47 -13.93 -16.01 10.88
CA ALA A 47 -12.65 -15.35 10.69
C ALA A 47 -12.83 -14.04 9.96
N GLU A 48 -13.72 -14.01 8.97
CA GLU A 48 -13.94 -12.79 8.20
C GLU A 48 -14.50 -11.69 9.10
N VAL A 49 -15.51 -12.03 9.92
CA VAL A 49 -16.02 -11.04 10.85
C VAL A 49 -14.91 -10.47 11.73
N PHE A 50 -14.08 -11.36 12.28
CA PHE A 50 -13.07 -10.90 13.22
C PHE A 50 -11.99 -10.07 12.51
N PHE A 51 -11.56 -10.47 11.31
CA PHE A 51 -10.55 -9.64 10.62
C PHE A 51 -11.14 -8.33 10.14
N ARG A 52 -12.42 -8.29 9.76
CA ARG A 52 -13.03 -7.00 9.46
C ARG A 52 -13.05 -6.12 10.72
N PHE A 53 -13.39 -6.70 11.87
CA PHE A 53 -13.41 -5.98 13.13
C PHE A 53 -12.03 -5.41 13.42
N LEU A 54 -11.01 -6.25 13.25
CA LEU A 54 -9.63 -5.83 13.51
C LEU A 54 -9.22 -4.69 12.60
N CYS A 55 -9.57 -4.77 11.31
CA CYS A 55 -9.17 -3.71 10.38
C CYS A 55 -9.96 -2.42 10.61
N ILE A 56 -11.16 -2.51 11.18
CA ILE A 56 -11.87 -1.30 11.54
C ILE A 56 -11.19 -0.64 12.73
N TYR A 57 -10.73 -1.47 13.66
CA TYR A 57 -10.10 -0.97 14.86
C TYR A 57 -8.77 -0.29 14.53
N ASP A 58 -8.00 -0.87 13.63
CA ASP A 58 -6.72 -0.27 13.23
C ASP A 58 -6.49 -0.60 11.75
N PHE A 59 -6.95 0.31 10.89
CA PHE A 59 -6.85 0.08 9.46
C PHE A 59 -5.43 0.26 8.93
N TYR A 60 -4.45 0.54 9.78
CA TYR A 60 -3.06 0.58 9.36
C TYR A 60 -2.21 -0.60 9.89
N ASN A 61 -2.84 -1.63 10.45
CA ASN A 61 -2.10 -2.75 11.03
C ASN A 61 -1.89 -3.77 9.92
N VAL A 62 -0.63 -3.98 9.53
N VAL A 62 -0.63 -4.00 9.54
CA VAL A 62 -0.29 -4.80 8.36
CA VAL A 62 -0.35 -4.79 8.33
C VAL A 62 -0.85 -6.21 8.49
C VAL A 62 -0.88 -6.22 8.49
N ASP A 63 -0.71 -6.81 9.67
CA ASP A 63 -1.17 -8.19 9.86
C ASP A 63 -2.70 -8.28 9.87
N TYR A 64 -3.38 -7.29 10.41
CA TYR A 64 -4.84 -7.29 10.34
C TYR A 64 -5.29 -7.22 8.88
N ILE A 65 -4.65 -6.36 8.08
N ILE A 65 -4.67 -6.32 8.11
CA ILE A 65 -5.01 -6.22 6.68
CA ILE A 65 -5.00 -6.17 6.69
C ILE A 65 -4.68 -7.49 5.91
C ILE A 65 -4.74 -7.47 5.95
N MET A 66 -3.53 -8.11 6.21
N MET A 66 -3.54 -8.03 6.13
CA MET A 66 -3.13 -9.30 5.49
CA MET A 66 -3.20 -9.28 5.45
C MET A 66 -4.06 -10.47 5.78
C MET A 66 -4.26 -10.33 5.72
N GLY A 67 -4.64 -10.50 6.99
CA GLY A 67 -5.59 -11.55 7.31
C GLY A 67 -6.88 -11.41 6.55
N LEU A 68 -7.37 -10.19 6.43
CA LEU A 68 -8.59 -9.95 5.67
C LEU A 68 -8.35 -10.21 4.19
N ALA A 69 -7.18 -9.80 3.67
CA ALA A 69 -6.90 -10.07 2.27
C ALA A 69 -6.88 -11.56 2.01
N ALA A 70 -6.26 -12.31 2.90
CA ALA A 70 -6.23 -13.75 2.76
C ALA A 70 -7.62 -14.33 2.72
N ILE A 71 -8.48 -13.88 3.62
N ILE A 71 -8.50 -13.86 3.60
CA ILE A 71 -9.88 -14.34 3.65
CA ILE A 71 -9.87 -14.38 3.62
C ILE A 71 -10.57 -14.04 2.32
C ILE A 71 -10.60 -14.03 2.34
N TYR A 72 -10.40 -12.80 1.83
CA TYR A 72 -11.01 -12.44 0.55
C TYR A 72 -10.47 -13.30 -0.59
N GLN A 73 -9.18 -13.64 -0.58
CA GLN A 73 -8.67 -14.54 -1.61
C GLN A 73 -9.35 -15.91 -1.50
N ILE A 74 -9.49 -16.44 -0.27
CA ILE A 74 -10.17 -17.71 -0.07
C ILE A 74 -11.60 -17.64 -0.60
N LYS A 75 -12.27 -16.53 -0.38
CA LYS A 75 -13.67 -16.41 -0.79
C LYS A 75 -13.83 -15.99 -2.25
N GLU A 76 -12.72 -15.92 -2.97
CA GLU A 76 -12.68 -15.60 -4.39
C GLU A 76 -13.10 -14.17 -4.67
N GLN A 77 -12.89 -13.29 -3.69
CA GLN A 77 -13.06 -11.85 -3.90
C GLN A 77 -11.67 -11.30 -4.24
N PHE A 78 -11.25 -11.63 -5.45
CA PHE A 78 -9.83 -11.50 -5.79
C PHE A 78 -9.40 -10.06 -5.94
N GLN A 79 -10.27 -9.19 -6.46
CA GLN A 79 -9.90 -7.80 -6.61
C GLN A 79 -9.78 -7.10 -5.26
N GLN A 80 -10.71 -7.37 -4.35
CA GLN A 80 -10.60 -6.79 -3.02
C GLN A 80 -9.36 -7.34 -2.31
N ALA A 81 -9.08 -8.63 -2.46
CA ALA A 81 -7.86 -9.17 -1.86
C ALA A 81 -6.64 -8.46 -2.40
N ALA A 82 -6.57 -8.32 -3.73
CA ALA A 82 -5.43 -7.65 -4.37
C ALA A 82 -5.27 -6.22 -3.86
N ASP A 83 -6.39 -5.49 -3.74
CA ASP A 83 -6.39 -4.13 -3.24
C ASP A 83 -5.80 -4.07 -1.84
N LEU A 84 -6.21 -4.99 -0.96
CA LEU A 84 -5.69 -4.97 0.42
C LEU A 84 -4.22 -5.39 0.44
N TYR A 85 -3.83 -6.38 -0.36
CA TYR A 85 -2.42 -6.77 -0.40
C TYR A 85 -1.52 -5.60 -0.79
N ALA A 86 -1.97 -4.74 -1.72
CA ALA A 86 -1.15 -3.59 -2.11
C ALA A 86 -0.95 -2.65 -0.94
N VAL A 87 -2.01 -2.39 -0.19
CA VAL A 87 -1.89 -1.57 1.02
C VAL A 87 -0.98 -2.25 2.03
N ALA A 88 -1.16 -3.55 2.24
CA ALA A 88 -0.34 -4.26 3.20
C ALA A 88 1.13 -4.19 2.82
N PHE A 89 1.44 -4.32 1.53
CA PHE A 89 2.82 -4.15 1.09
C PHE A 89 3.35 -2.77 1.47
N ALA A 90 2.55 -1.74 1.22
CA ALA A 90 3.00 -0.38 1.40
C ALA A 90 3.25 -0.06 2.86
N LEU A 91 2.46 -0.63 3.75
CA LEU A 91 2.60 -0.37 5.17
C LEU A 91 3.61 -1.28 5.85
N GLY A 92 4.09 -2.32 5.16
CA GLY A 92 5.00 -3.27 5.76
C GLY A 92 6.46 -2.87 5.60
N LYS A 93 7.33 -3.83 5.93
CA LYS A 93 8.77 -3.64 6.07
C LYS A 93 9.49 -4.58 5.09
N ASN A 94 9.63 -4.14 3.85
CA ASN A 94 10.43 -4.85 2.85
C ASN A 94 9.98 -6.30 2.64
N ASP A 95 8.67 -6.55 2.72
CA ASP A 95 8.13 -7.90 2.53
C ASP A 95 7.32 -7.96 1.25
N TYR A 96 7.77 -8.80 0.30
CA TYR A 96 7.09 -8.91 -0.99
C TYR A 96 6.05 -10.01 -1.02
N THR A 97 5.80 -10.68 0.10
CA THR A 97 4.77 -11.73 0.11
C THR A 97 3.40 -11.22 -0.32
N PRO A 98 2.92 -10.05 0.12
CA PRO A 98 1.64 -9.56 -0.40
C PRO A 98 1.60 -9.40 -1.92
N VAL A 99 2.72 -9.03 -2.53
CA VAL A 99 2.77 -8.90 -3.98
C VAL A 99 2.68 -10.27 -4.64
N PHE A 100 3.35 -11.26 -4.06
CA PHE A 100 3.21 -12.63 -4.54
C PHE A 100 1.77 -13.07 -4.55
N HIS A 101 1.04 -12.84 -3.44
CA HIS A 101 -0.36 -13.23 -3.38
C HIS A 101 -1.19 -12.41 -4.36
N THR A 102 -0.82 -11.15 -4.60
CA THR A 102 -1.52 -10.37 -5.62
C THR A 102 -1.35 -11.04 -6.99
N GLY A 103 -0.17 -11.59 -7.26
CA GLY A 103 0.01 -12.30 -8.53
C GLY A 103 -0.96 -13.46 -8.69
N GLN A 104 -1.15 -14.22 -7.61
CA GLN A 104 -2.11 -15.32 -7.62
C GLN A 104 -3.50 -14.81 -7.93
N CYS A 105 -3.88 -13.72 -7.25
CA CYS A 105 -5.18 -13.12 -7.49
C CYS A 105 -5.35 -12.68 -8.94
N GLN A 106 -4.30 -12.08 -9.52
CA GLN A 106 -4.41 -11.61 -10.90
C GLN A 106 -4.56 -12.77 -11.87
N LEU A 107 -3.87 -13.89 -11.62
CA LEU A 107 -4.11 -15.08 -12.45
C LEU A 107 -5.57 -15.49 -12.41
N ARG A 108 -6.17 -15.49 -11.22
CA ARG A 108 -7.56 -15.89 -11.09
C ARG A 108 -8.50 -14.87 -11.73
N LEU A 109 -8.10 -13.61 -11.78
CA LEU A 109 -8.86 -12.57 -12.49
C LEU A 109 -8.62 -12.59 -13.99
N LYS A 110 -7.87 -13.56 -14.50
CA LYS A 110 -7.57 -13.70 -15.93
C LYS A 110 -6.81 -12.48 -16.45
N ALA A 111 -5.86 -12.01 -15.63
CA ALA A 111 -4.95 -10.92 -15.97
C ALA A 111 -3.52 -11.44 -15.84
N PRO A 112 -3.08 -12.28 -16.77
CA PRO A 112 -1.77 -12.94 -16.60
C PRO A 112 -0.59 -12.02 -16.73
N LEU A 113 -0.70 -10.93 -17.50
CA LEU A 113 0.41 -9.97 -17.60
C LEU A 113 0.55 -9.18 -16.32
N LYS A 114 -0.57 -8.79 -15.70
CA LYS A 114 -0.50 -8.23 -14.36
C LYS A 114 0.14 -9.22 -13.39
N ALA A 115 -0.27 -10.49 -13.46
CA ALA A 115 0.30 -11.51 -12.60
C ALA A 115 1.81 -11.59 -12.80
N LYS A 116 2.24 -11.65 -14.06
CA LYS A 116 3.67 -11.72 -14.36
C LYS A 116 4.40 -10.55 -13.74
N GLU A 117 3.84 -9.34 -13.87
CA GLU A 117 4.49 -8.18 -13.30
C GLU A 117 4.65 -8.32 -11.80
N CYS A 118 3.63 -8.86 -11.12
CA CYS A 118 3.72 -9.08 -9.68
C CYS A 118 4.85 -10.06 -9.34
N PHE A 119 4.89 -11.20 -10.03
CA PHE A 119 5.90 -12.21 -9.71
C PHE A 119 7.29 -11.67 -10.02
N GLU A 120 7.41 -10.88 -11.11
CA GLU A 120 8.69 -10.26 -11.44
C GLU A 120 9.11 -9.24 -10.39
N LEU A 121 8.16 -8.47 -9.87
CA LEU A 121 8.50 -7.53 -8.80
C LEU A 121 9.12 -8.28 -7.64
N VAL A 122 8.52 -9.41 -7.25
CA VAL A 122 9.09 -10.25 -6.19
C VAL A 122 10.48 -10.74 -6.58
N ILE A 123 10.60 -11.34 -7.76
CA ILE A 123 11.86 -11.98 -8.16
C ILE A 123 12.98 -10.96 -8.24
N GLN A 124 12.69 -9.76 -8.76
CA GLN A 124 13.74 -8.78 -9.00
C GLN A 124 14.18 -8.05 -7.72
N HIS A 125 13.30 -7.94 -6.71
CA HIS A 125 13.56 -7.05 -5.59
C HIS A 125 13.60 -7.72 -4.24
N SER A 126 12.94 -8.86 -4.06
CA SER A 126 12.94 -9.53 -2.76
C SER A 126 14.32 -10.09 -2.42
N ASN A 127 14.64 -10.07 -1.12
CA ASN A 127 15.81 -10.75 -0.59
C ASN A 127 15.48 -12.12 -0.03
N ASP A 128 14.22 -12.52 -0.11
CA ASP A 128 13.72 -13.78 0.44
C ASP A 128 13.79 -14.83 -0.66
N GLU A 129 14.87 -15.62 -0.70
CA GLU A 129 15.02 -16.57 -1.80
C GLU A 129 13.94 -17.65 -1.75
N LYS A 130 13.41 -17.96 -0.56
CA LYS A 130 12.36 -18.96 -0.49
C LYS A 130 11.09 -18.45 -1.17
N LEU A 131 10.75 -17.18 -0.92
CA LEU A 131 9.62 -16.55 -1.61
C LEU A 131 9.87 -16.47 -3.10
N LYS A 132 11.12 -16.19 -3.50
CA LYS A 132 11.43 -16.12 -4.92
C LYS A 132 11.18 -17.45 -5.62
N ILE A 133 11.51 -18.56 -4.95
CA ILE A 133 11.27 -19.88 -5.55
C ILE A 133 9.80 -20.05 -5.87
N LYS A 134 8.95 -19.66 -4.93
CA LYS A 134 7.50 -19.75 -5.15
C LYS A 134 7.06 -18.86 -6.30
N ALA A 135 7.51 -17.59 -6.32
CA ALA A 135 7.12 -16.68 -7.37
C ALA A 135 7.63 -17.17 -8.72
N GLN A 136 8.85 -17.71 -8.75
CA GLN A 136 9.41 -18.23 -10.00
C GLN A 136 8.62 -19.43 -10.51
N SER A 137 8.05 -20.23 -9.59
N SER A 137 8.10 -20.25 -9.59
CA SER A 137 7.31 -21.41 -10.00
CA SER A 137 7.30 -21.39 -9.99
C SER A 137 6.00 -21.03 -10.69
C SER A 137 6.08 -20.95 -10.79
N TYR A 138 5.38 -19.91 -10.29
CA TYR A 138 4.24 -19.38 -11.02
C TYR A 138 4.67 -18.78 -12.35
N LEU A 139 5.75 -17.99 -12.33
N LEU A 139 5.73 -17.96 -12.33
CA LEU A 139 6.22 -17.36 -13.56
CA LEU A 139 6.21 -17.36 -13.57
C LEU A 139 6.59 -18.41 -14.60
C LEU A 139 6.55 -18.43 -14.60
N ASP A 140 7.20 -19.50 -14.17
CA ASP A 140 7.61 -20.55 -15.11
C ASP A 140 6.41 -21.27 -15.73
N ALA A 141 5.25 -21.20 -15.08
CA ALA A 141 4.05 -21.87 -15.58
C ALA A 141 3.19 -20.96 -16.45
N ILE A 142 3.45 -19.65 -16.43
CA ILE A 142 2.68 -18.71 -17.25
C ILE A 142 3.05 -18.92 -18.72
N GLN A 143 2.04 -19.03 -19.57
CA GLN A 143 2.31 -19.34 -20.97
C GLN A 143 2.69 -18.11 -21.76
N GLY B 1 -7.01 9.20 5.36
CA GLY B 1 -6.38 9.49 4.10
C GLY B 1 -6.79 8.51 3.01
N SER B 2 -6.08 8.58 1.89
CA SER B 2 -6.37 7.70 0.76
C SER B 2 -6.30 6.24 1.17
N ILE B 3 -5.27 5.90 1.95
CA ILE B 3 -5.07 4.52 2.36
C ILE B 3 -6.20 4.06 3.27
N SER B 4 -6.57 4.85 4.28
CA SER B 4 -7.65 4.40 5.15
C SER B 4 -8.96 4.28 4.38
N THR B 5 -9.22 5.20 3.43
CA THR B 5 -10.40 5.07 2.57
C THR B 5 -10.37 3.77 1.78
N ALA B 6 -9.19 3.40 1.26
CA ALA B 6 -9.11 2.15 0.51
C ALA B 6 -9.40 0.95 1.40
N VAL B 7 -8.87 0.96 2.63
CA VAL B 7 -9.08 -0.16 3.54
C VAL B 7 -10.56 -0.22 3.97
N ILE B 8 -11.15 0.92 4.30
CA ILE B 8 -12.57 0.90 4.70
C ILE B 8 -13.45 0.45 3.54
N ASP B 9 -13.17 0.94 2.33
CA ASP B 9 -13.93 0.50 1.17
C ASP B 9 -13.86 -1.02 1.01
N ALA B 10 -12.67 -1.61 1.21
CA ALA B 10 -12.55 -3.06 1.05
C ALA B 10 -13.27 -3.82 2.18
N ILE B 11 -13.18 -3.34 3.42
CA ILE B 11 -13.91 -3.97 4.53
C ILE B 11 -15.39 -4.05 4.19
N ASN B 12 -15.96 -2.93 3.68
CA ASN B 12 -17.40 -2.85 3.48
C ASN B 12 -17.87 -3.64 2.27
N SER B 13 -17.06 -3.70 1.22
CA SER B 13 -17.42 -4.46 0.03
C SER B 13 -16.69 -5.81 -0.02
N ILE B 23 -16.88 8.74 -14.08
CA ILE B 23 -16.24 9.70 -14.98
C ILE B 23 -15.30 8.99 -15.95
N PRO B 24 -15.38 9.30 -17.24
CA PRO B 24 -14.51 8.63 -18.23
C PRO B 24 -13.03 8.99 -18.05
N ASP B 25 -12.18 8.11 -18.59
CA ASP B 25 -10.73 8.28 -18.44
C ASP B 25 -10.27 9.66 -18.87
N ASP B 26 -10.76 10.17 -20.01
CA ASP B 26 -10.30 11.46 -20.49
C ASP B 26 -10.63 12.57 -19.50
N MET B 27 -11.80 12.50 -18.86
CA MET B 27 -12.18 13.53 -17.90
C MET B 27 -11.37 13.39 -16.61
N MET B 28 -11.08 12.16 -16.19
CA MET B 28 -10.20 11.97 -15.04
C MET B 28 -8.81 12.55 -15.34
N ASP B 29 -8.31 12.33 -16.56
CA ASP B 29 -7.07 12.93 -17.01
C ASP B 29 -7.13 14.46 -16.93
N ASP B 30 -8.28 15.03 -17.33
CA ASP B 30 -8.44 16.48 -17.20
C ASP B 30 -8.28 16.93 -15.75
N ILE B 31 -9.00 16.27 -14.84
CA ILE B 31 -8.95 16.67 -13.44
C ILE B 31 -7.53 16.55 -12.89
N TYR B 32 -6.80 15.49 -13.28
CA TYR B 32 -5.39 15.39 -12.92
C TYR B 32 -4.62 16.61 -13.42
N SER B 33 -4.88 17.03 -14.65
CA SER B 33 -4.13 18.19 -15.16
C SER B 33 -4.49 19.45 -14.40
N TYR B 34 -5.76 19.60 -13.99
CA TYR B 34 -6.15 20.73 -13.18
C TYR B 34 -5.43 20.75 -11.83
N ALA B 35 -5.31 19.57 -11.21
CA ALA B 35 -4.55 19.47 -9.98
C ALA B 35 -3.13 19.94 -10.18
N TYR B 36 -2.49 19.47 -11.26
CA TYR B 36 -1.12 19.88 -11.56
C TYR B 36 -1.04 21.37 -11.85
N ASP B 37 -2.08 21.93 -12.51
CA ASP B 37 -2.10 23.36 -12.77
C ASP B 37 -2.07 24.14 -11.46
N PHE B 38 -2.90 23.72 -10.50
CA PHE B 38 -2.86 24.35 -9.18
C PHE B 38 -1.46 24.21 -8.58
N TYR B 39 -0.92 22.99 -8.61
CA TYR B 39 0.38 22.72 -8.02
C TYR B 39 1.44 23.64 -8.60
N ASN B 40 1.48 23.75 -9.93
CA ASN B 40 2.51 24.54 -10.60
C ASN B 40 2.41 26.02 -10.26
N LYS B 41 1.22 26.50 -9.89
CA LYS B 41 1.00 27.89 -9.52
C LYS B 41 1.22 28.14 -8.04
N GLY B 42 1.66 27.12 -7.30
CA GLY B 42 1.86 27.22 -5.87
C GLY B 42 0.62 27.11 -5.04
N ARG B 43 -0.50 26.72 -5.64
CA ARG B 43 -1.75 26.51 -4.91
C ARG B 43 -1.77 25.07 -4.41
N ILE B 44 -0.92 24.80 -3.41
CA ILE B 44 -0.68 23.43 -2.97
C ILE B 44 -1.90 22.83 -2.29
N GLU B 45 -2.63 23.66 -1.51
CA GLU B 45 -3.81 23.16 -0.82
C GLU B 45 -4.90 22.74 -1.80
N GLU B 46 -5.14 23.52 -2.86
N GLU B 46 -5.16 23.57 -2.82
CA GLU B 46 -6.16 23.12 -3.83
CA GLU B 46 -6.11 23.19 -3.87
C GLU B 46 -5.67 21.99 -4.74
C GLU B 46 -5.64 21.93 -4.60
N ALA B 47 -4.37 21.90 -4.97
CA ALA B 47 -3.85 20.72 -5.65
C ALA B 47 -4.10 19.48 -4.79
N GLU B 48 -3.89 19.61 -3.48
CA GLU B 48 -4.01 18.46 -2.58
C GLU B 48 -5.45 17.96 -2.55
N VAL B 49 -6.42 18.88 -2.50
CA VAL B 49 -7.82 18.47 -2.55
C VAL B 49 -8.11 17.69 -3.82
N PHE B 50 -7.64 18.21 -4.97
CA PHE B 50 -7.91 17.55 -6.24
C PHE B 50 -7.26 16.16 -6.29
N PHE B 51 -6.02 16.04 -5.80
CA PHE B 51 -5.39 14.72 -5.78
C PHE B 51 -6.08 13.79 -4.78
N ARG B 52 -6.53 14.32 -3.64
CA ARG B 52 -7.26 13.47 -2.69
C ARG B 52 -8.55 12.96 -3.32
N PHE B 53 -9.26 13.85 -4.05
CA PHE B 53 -10.46 13.44 -4.78
C PHE B 53 -10.15 12.31 -5.75
N LEU B 54 -9.06 12.46 -6.51
CA LEU B 54 -8.71 11.44 -7.49
C LEU B 54 -8.39 10.11 -6.82
N CYS B 55 -7.66 10.14 -5.71
CA CYS B 55 -7.29 8.93 -4.99
C CYS B 55 -8.44 8.33 -4.20
N ILE B 56 -9.53 9.06 -3.94
CA ILE B 56 -10.74 8.40 -3.44
C ILE B 56 -11.48 7.73 -4.58
N TYR B 57 -11.60 8.44 -5.71
CA TYR B 57 -12.35 7.93 -6.85
C TYR B 57 -11.65 6.75 -7.52
N ASP B 58 -10.33 6.81 -7.66
CA ASP B 58 -9.60 5.76 -8.35
C ASP B 58 -8.24 5.64 -7.65
N PHE B 59 -8.23 4.94 -6.53
CA PHE B 59 -7.04 4.92 -5.69
C PHE B 59 -5.91 4.12 -6.30
N TYR B 60 -6.23 3.13 -7.10
CA TYR B 60 -5.22 2.21 -7.58
C TYR B 60 -4.71 2.66 -8.94
N ASN B 61 -4.40 3.95 -9.00
CA ASN B 61 -3.89 4.63 -10.20
C ASN B 61 -2.55 5.28 -9.86
N VAL B 62 -1.48 4.79 -10.50
N VAL B 62 -1.47 4.81 -10.47
CA VAL B 62 -0.12 5.17 -10.10
CA VAL B 62 -0.15 5.20 -9.99
C VAL B 62 0.08 6.67 -10.18
C VAL B 62 0.10 6.70 -10.17
N ASP B 63 -0.46 7.32 -11.21
CA ASP B 63 -0.20 8.74 -11.42
C ASP B 63 -0.90 9.59 -10.36
N TYR B 64 -2.13 9.23 -9.98
CA TYR B 64 -2.81 9.98 -8.93
C TYR B 64 -2.10 9.81 -7.60
N ILE B 65 -1.66 8.58 -7.30
N ILE B 65 -1.64 8.59 -7.30
CA ILE B 65 -0.92 8.31 -6.07
CA ILE B 65 -0.92 8.30 -6.07
C ILE B 65 0.37 9.13 -6.03
C ILE B 65 0.38 9.07 -6.01
N MET B 66 1.12 9.14 -7.13
CA MET B 66 2.40 9.83 -7.13
C MET B 66 2.23 11.32 -6.92
N GLY B 67 1.18 11.91 -7.50
CA GLY B 67 0.96 13.33 -7.33
C GLY B 67 0.64 13.69 -5.90
N LEU B 68 -0.22 12.90 -5.26
CA LEU B 68 -0.56 13.15 -3.87
C LEU B 68 0.62 12.91 -2.95
N ALA B 69 1.40 11.84 -3.19
CA ALA B 69 2.59 11.60 -2.38
C ALA B 69 3.55 12.77 -2.47
N ALA B 70 3.72 13.34 -3.67
CA ALA B 70 4.60 14.49 -3.83
C ALA B 70 4.16 15.63 -2.94
N ILE B 71 2.85 15.86 -2.86
CA ILE B 71 2.33 16.95 -2.03
C ILE B 71 2.63 16.68 -0.57
N TYR B 72 2.39 15.45 -0.11
CA TYR B 72 2.73 15.14 1.28
C TYR B 72 4.21 15.32 1.56
N GLN B 73 5.07 14.95 0.61
CA GLN B 73 6.51 15.13 0.84
C GLN B 73 6.86 16.61 0.95
N ILE B 74 6.30 17.43 0.07
CA ILE B 74 6.51 18.86 0.14
C ILE B 74 6.09 19.39 1.49
N LYS B 75 4.95 18.91 2.00
CA LYS B 75 4.38 19.36 3.25
C LYS B 75 5.05 18.70 4.45
N GLU B 76 6.10 17.91 4.23
CA GLU B 76 6.89 17.30 5.28
C GLU B 76 6.10 16.27 6.06
N GLN B 77 5.11 15.68 5.40
CA GLN B 77 4.40 14.52 5.91
C GLN B 77 5.05 13.28 5.31
N PHE B 78 6.27 13.01 5.78
CA PHE B 78 7.15 12.09 5.08
C PHE B 78 6.69 10.64 5.18
N GLN B 79 6.13 10.23 6.32
CA GLN B 79 5.66 8.86 6.43
C GLN B 79 4.47 8.62 5.51
N GLN B 80 3.56 9.57 5.47
CA GLN B 80 2.40 9.39 4.61
C GLN B 80 2.83 9.38 3.15
N ALA B 81 3.80 10.22 2.81
CA ALA B 81 4.33 10.21 1.45
C ALA B 81 4.95 8.85 1.13
N ALA B 82 5.80 8.34 2.03
CA ALA B 82 6.47 7.07 1.77
C ALA B 82 5.47 5.94 1.59
N ASP B 83 4.43 5.91 2.41
CA ASP B 83 3.40 4.89 2.28
C ASP B 83 2.76 4.93 0.90
N LEU B 84 2.44 6.14 0.41
CA LEU B 84 1.83 6.24 -0.92
C LEU B 84 2.81 5.86 -2.02
N TYR B 85 4.07 6.28 -1.91
CA TYR B 85 5.05 5.89 -2.92
C TYR B 85 5.13 4.37 -3.03
N ALA B 86 5.04 3.67 -1.89
CA ALA B 86 5.11 2.21 -1.94
C ALA B 86 3.91 1.61 -2.65
N VAL B 87 2.71 2.18 -2.46
CA VAL B 87 1.56 1.69 -3.21
C VAL B 87 1.82 1.84 -4.70
N ALA B 88 2.35 3.00 -5.10
CA ALA B 88 2.64 3.24 -6.52
C ALA B 88 3.65 2.22 -7.03
N PHE B 89 4.67 1.89 -6.24
CA PHE B 89 5.63 0.87 -6.63
C PHE B 89 4.95 -0.49 -6.80
N ALA B 90 4.11 -0.88 -5.84
CA ALA B 90 3.47 -2.19 -5.90
C ALA B 90 2.54 -2.33 -7.10
N LEU B 91 1.91 -1.22 -7.51
CA LEU B 91 0.93 -1.24 -8.61
C LEU B 91 1.58 -1.18 -9.98
N GLY B 92 2.89 -1.04 -10.07
CA GLY B 92 3.60 -1.04 -11.34
C GLY B 92 3.91 0.33 -11.91
N ASP B 95 8.73 2.81 -13.11
CA ASP B 95 10.07 3.30 -12.86
C ASP B 95 10.32 3.36 -11.36
N TYR B 96 11.53 3.75 -11.00
CA TYR B 96 11.99 3.75 -9.64
C TYR B 96 11.86 5.09 -8.95
N THR B 97 11.18 6.06 -9.58
CA THR B 97 11.00 7.34 -8.90
C THR B 97 10.29 7.18 -7.55
N PRO B 98 9.29 6.32 -7.39
CA PRO B 98 8.72 6.16 -6.03
C PRO B 98 9.72 5.66 -5.01
N VAL B 99 10.64 4.78 -5.42
CA VAL B 99 11.63 4.26 -4.49
C VAL B 99 12.65 5.35 -4.15
N PHE B 100 13.06 6.12 -5.16
CA PHE B 100 13.95 7.25 -4.93
C PHE B 100 13.34 8.24 -3.95
N HIS B 101 12.09 8.64 -4.16
CA HIS B 101 11.48 9.60 -3.24
C HIS B 101 11.25 8.98 -1.86
N THR B 102 10.98 7.67 -1.80
CA THR B 102 10.87 7.04 -0.49
C THR B 102 12.19 7.15 0.26
N GLY B 103 13.30 6.99 -0.48
CA GLY B 103 14.61 7.16 0.14
C GLY B 103 14.77 8.53 0.76
N GLN B 104 14.35 9.57 0.02
CA GLN B 104 14.41 10.91 0.55
C GLN B 104 13.56 11.04 1.80
N CYS B 105 12.36 10.48 1.75
CA CYS B 105 11.48 10.54 2.91
C CYS B 105 12.10 9.85 4.11
N GLN B 106 12.72 8.68 3.89
CA GLN B 106 13.31 7.95 5.00
C GLN B 106 14.48 8.71 5.60
N LEU B 107 15.29 9.36 4.76
CA LEU B 107 16.32 10.23 5.31
C LEU B 107 15.73 11.28 6.23
N ARG B 108 14.66 11.95 5.79
CA ARG B 108 14.06 12.98 6.62
C ARG B 108 13.42 12.39 7.87
N LEU B 109 13.00 11.12 7.80
CA LEU B 109 12.47 10.43 8.97
C LEU B 109 13.58 9.91 9.87
N LYS B 110 14.84 10.22 9.56
CA LYS B 110 16.00 9.79 10.35
C LYS B 110 16.12 8.25 10.36
N ALA B 111 15.84 7.62 9.21
CA ALA B 111 15.99 6.18 9.04
C ALA B 111 16.98 5.95 7.89
N PRO B 112 18.27 6.20 8.14
CA PRO B 112 19.23 6.20 7.03
C PRO B 112 19.51 4.84 6.45
N LEU B 113 19.41 3.77 7.25
CA LEU B 113 19.62 2.44 6.66
C LEU B 113 18.48 2.11 5.71
N LYS B 114 17.24 2.48 6.08
CA LYS B 114 16.12 2.35 5.14
C LYS B 114 16.36 3.18 3.88
N ALA B 115 16.78 4.43 4.06
CA ALA B 115 17.06 5.27 2.90
C ALA B 115 18.10 4.62 2.00
N LYS B 116 19.19 4.14 2.60
CA LYS B 116 20.26 3.55 1.82
C LYS B 116 19.75 2.41 0.95
N GLU B 117 18.92 1.53 1.52
CA GLU B 117 18.39 0.40 0.77
C GLU B 117 17.58 0.87 -0.43
N CYS B 118 16.78 1.92 -0.25
CA CYS B 118 16.04 2.50 -1.35
C CYS B 118 16.95 3.00 -2.46
N PHE B 119 17.98 3.79 -2.10
CA PHE B 119 18.85 4.35 -3.11
C PHE B 119 19.66 3.24 -3.80
N GLU B 120 20.05 2.21 -3.06
CA GLU B 120 20.76 1.10 -3.70
C GLU B 120 19.88 0.39 -4.70
N LEU B 121 18.61 0.18 -4.33
CA LEU B 121 17.66 -0.43 -5.24
C LEU B 121 17.55 0.38 -6.53
N VAL B 122 17.49 1.71 -6.42
CA VAL B 122 17.45 2.55 -7.61
C VAL B 122 18.69 2.30 -8.48
N ILE B 123 19.87 2.36 -7.86
CA ILE B 123 21.11 2.23 -8.65
C ILE B 123 21.18 0.86 -9.31
N GLN B 124 20.71 -0.17 -8.63
CA GLN B 124 20.86 -1.50 -9.18
C GLN B 124 19.84 -1.80 -10.28
N HIS B 125 18.66 -1.16 -10.25
CA HIS B 125 17.58 -1.57 -11.14
C HIS B 125 17.11 -0.53 -12.12
N SER B 126 17.28 0.75 -11.83
CA SER B 126 16.77 1.78 -12.72
C SER B 126 17.54 1.85 -14.03
N ASN B 127 16.83 2.13 -15.12
CA ASN B 127 17.45 2.46 -16.41
C ASN B 127 17.54 3.96 -16.63
N ASP B 128 17.21 4.76 -15.62
CA ASP B 128 17.23 6.21 -15.67
C ASP B 128 18.58 6.67 -15.13
N GLU B 129 19.49 7.04 -16.04
CA GLU B 129 20.84 7.35 -15.61
C GLU B 129 20.89 8.58 -14.72
N LYS B 130 19.97 9.53 -14.92
CA LYS B 130 19.94 10.72 -14.08
C LYS B 130 19.43 10.42 -12.68
N LEU B 131 18.42 9.57 -12.57
CA LEU B 131 17.95 9.16 -11.24
C LEU B 131 19.05 8.39 -10.51
N LYS B 132 19.83 7.59 -11.23
CA LYS B 132 20.91 6.84 -10.59
C LYS B 132 21.94 7.79 -10.01
N ILE B 133 22.35 8.83 -10.77
CA ILE B 133 23.29 9.81 -10.23
C ILE B 133 22.73 10.47 -8.98
N LYS B 134 21.44 10.84 -9.01
CA LYS B 134 20.85 11.47 -7.84
C LYS B 134 20.88 10.51 -6.65
N ALA B 135 20.51 9.25 -6.89
CA ALA B 135 20.53 8.29 -5.79
C ALA B 135 21.94 8.09 -5.25
N GLN B 136 22.94 8.07 -6.15
CA GLN B 136 24.32 7.91 -5.68
C GLN B 136 24.77 9.09 -4.85
N SER B 137 24.31 10.30 -5.18
CA SER B 137 24.73 11.44 -4.40
C SER B 137 24.18 11.38 -2.97
N TYR B 138 22.97 10.83 -2.79
CA TYR B 138 22.48 10.59 -1.44
C TYR B 138 23.31 9.52 -0.74
N LEU B 139 23.60 8.43 -1.45
CA LEU B 139 24.39 7.36 -0.85
C LEU B 139 25.76 7.88 -0.42
N ASP B 140 26.36 8.76 -1.23
CA ASP B 140 27.67 9.31 -0.89
C ASP B 140 27.60 10.10 0.41
N ALA B 141 26.42 10.59 0.78
CA ALA B 141 26.27 11.41 1.97
C ALA B 141 25.80 10.64 3.20
N ILE B 142 25.28 9.42 3.05
CA ILE B 142 24.80 8.65 4.20
C ILE B 142 25.98 8.18 5.04
MG MG C . 1.04 -5.22 24.08
MG MG D . 13.10 -26.18 -11.44
CL CL E . -3.25 -8.83 -18.00
CL CL F . -6.34 -18.34 -5.03
C4 4AV G . 1.26 -22.84 -9.63
C5 4AV G . 0.01 -23.17 -9.16
C6 4AV G . -0.08 -23.72 -7.89
N1 4AV G . 1.39 -22.40 -11.02
C7 4AV G . 1.06 -23.92 -7.15
O1 4AV G . 0.38 -22.22 -11.67
O 4AV G . 2.52 -22.24 -11.47
C3 4AV G . 2.41 -23.00 -8.88
CL 4AV G . 0.92 -24.72 -5.61
C2 4AV G . 2.32 -23.56 -7.61
C1 4AV G . 3.55 -23.78 -6.77
C1 PEG H . 4.19 -13.77 -21.38
O1 PEG H . 4.47 -12.44 -20.96
C2 PEG H . 4.38 -14.76 -20.27
O2 PEG H . 5.74 -14.79 -19.86
C3 PEG H . 6.00 -15.87 -18.96
C4 PEG H . 7.48 -16.10 -18.84
O4 PEG H . 8.13 -15.01 -18.22
MG MG I . 14.67 10.89 -17.98
CL CL J . 17.12 2.89 9.51
CL CL K . -2.81 7.89 2.86
C1 PEG L . 13.02 12.26 -10.54
O1 PEG L . 13.12 13.53 -9.92
C2 PEG L . 13.76 12.22 -11.84
O2 PEG L . 15.15 12.42 -11.64
C3 PEG L . 15.87 12.44 -12.87
C4 PEG L . 16.37 13.84 -13.11
O4 PEG L . 16.06 14.28 -14.42
#